data_9M1D
#
_entry.id   9M1D
#
_cell.length_a   154.850
_cell.length_b   42.210
_cell.length_c   42.250
_cell.angle_alpha   90.000
_cell.angle_beta   95.831
_cell.angle_gamma   90.000
#
_symmetry.space_group_name_H-M   'C 1 2 1'
#
loop_
_entity.id
_entity.type
_entity.pdbx_description
1 polymer 'Vitamin D3 receptor'
2 polymer 'Mediator of RNA polymerase II transcription subunit 1'
3 non-polymer '(4~{S})-5-[4-[[4-(2-ethyl-2-oxidanyl-butoxy)-3-methyl-phenyl]-methyl-propyl-silyl]-2-methyl-phenoxy]-4-oxidanyl-pentanoic acid'
4 water water
#
loop_
_entity_poly.entity_id
_entity_poly.type
_entity_poly.pdbx_seq_one_letter_code
_entity_poly.pdbx_strand_id
1 'polypeptide(L)'
;GSHMGSPNSPLKDSLRPKLSEEQQHIIAILLDAHHKTYDPTYADFRDFRPPVRMDGSTGSVTLDLSPLSMLPHLADLVSY
SIQKVIGFAKMIPGFRDLTSDDQIVLLKSSAIEVIMLRSNQSFTMDDMSWDCGSQDYKYDVTDVSKAGHTLELIEPLIKF
QVGLKKLNLHEEEHVLLMAICIVSPDRPGVQDAKLVEAIQDRLSNTLQTYIRCRHPPPGSHQLYAKMIQKLADLRSLNEE
HSKQYRSLSFQPENSMKLTPLVLEVFGNEIS
;
A
2 'polypeptide(L)' KNHPMLMNLLKDN C
#
loop_
_chem_comp.id
_chem_comp.type
_chem_comp.name
_chem_comp.formula
A1L8B non-polymer '(4~{S})-5-[4-[[4-(2-ethyl-2-oxidanyl-butoxy)-3-methyl-phenyl]-methyl-propyl-silyl]-2-methyl-phenoxy]-4-oxidanyl-pentanoic acid' 'C29 H44 O6 Si'
#
# COMPACT_ATOMS: atom_id res chain seq x y z
N LYS A 18 18.43 -8.41 23.01
CA LYS A 18 18.19 -7.17 22.28
C LYS A 18 16.75 -6.99 21.81
N LEU A 19 16.20 -7.98 21.07
CA LEU A 19 14.77 -7.93 20.71
C LEU A 19 13.94 -8.25 21.95
N SER A 20 13.26 -7.25 22.50
CA SER A 20 12.53 -7.44 23.73
C SER A 20 11.28 -8.30 23.51
N GLU A 21 10.71 -8.82 24.57
CA GLU A 21 9.48 -9.64 24.38
C GLU A 21 8.37 -8.77 23.79
N GLU A 22 8.27 -7.50 24.19
CA GLU A 22 7.31 -6.61 23.54
C GLU A 22 7.56 -6.51 22.05
N GLN A 23 8.83 -6.43 21.64
CA GLN A 23 9.11 -6.30 20.21
C GLN A 23 8.75 -7.58 19.46
N GLN A 24 9.03 -8.74 20.07
CA GLN A 24 8.62 -10.01 19.48
C GLN A 24 7.12 -10.11 19.39
N HIS A 25 6.41 -9.57 20.37
CA HIS A 25 4.94 -9.55 20.34
C HIS A 25 4.44 -8.70 19.18
N ILE A 26 5.01 -7.51 19.00
CA ILE A 26 4.62 -6.63 17.89
C ILE A 26 4.77 -7.36 16.55
N ILE A 27 5.92 -7.99 16.34
CA ILE A 27 6.16 -8.72 15.10
C ILE A 27 5.13 -9.83 14.90
N ALA A 28 4.86 -10.61 15.95
CA ALA A 28 3.85 -11.68 15.88
C ALA A 28 2.49 -11.13 15.47
N ILE A 29 2.08 -10.02 16.08
CA ILE A 29 0.77 -9.43 15.74
C ILE A 29 0.74 -9.03 14.27
N LEU A 30 1.81 -8.41 13.78
CA LEU A 30 1.79 -7.89 12.42
C LEU A 30 1.84 -9.01 11.40
N LEU A 31 2.57 -10.09 11.70
N LEU A 31 2.59 -10.09 11.69
CA LEU A 31 2.58 -11.24 10.79
CA LEU A 31 2.59 -11.25 10.79
C LEU A 31 1.19 -11.85 10.70
C LEU A 31 1.20 -11.86 10.71
N ASP A 32 0.53 -12.02 11.86
CA ASP A 32 -0.82 -12.54 11.86
C ASP A 32 -1.77 -11.60 11.13
N ALA A 33 -1.65 -10.30 11.34
CA ALA A 33 -2.52 -9.35 10.65
C ALA A 33 -2.38 -9.48 9.13
N HIS A 34 -1.14 -9.62 8.64
CA HIS A 34 -0.94 -9.79 7.20
C HIS A 34 -1.52 -11.11 6.71
N HIS A 35 -1.35 -12.18 7.48
N HIS A 35 -1.37 -12.18 7.47
CA HIS A 35 -1.94 -13.47 7.12
CA HIS A 35 -1.95 -13.45 7.07
C HIS A 35 -3.46 -13.36 6.99
C HIS A 35 -3.47 -13.39 6.99
N LYS A 36 -4.10 -12.59 7.87
CA LYS A 36 -5.55 -12.48 7.87
C LYS A 36 -6.08 -11.54 6.80
N THR A 37 -5.24 -10.69 6.20
CA THR A 37 -5.71 -9.68 5.24
C THR A 37 -5.10 -9.81 3.85
N TYR A 38 -4.18 -10.74 3.61
CA TYR A 38 -3.64 -10.98 2.27
C TYR A 38 -3.91 -12.42 1.91
N ASP A 39 -4.66 -12.63 0.82
CA ASP A 39 -5.04 -13.98 0.39
C ASP A 39 -4.22 -14.35 -0.81
N PRO A 40 -3.16 -15.17 -0.65
CA PRO A 40 -2.28 -15.49 -1.78
C PRO A 40 -2.86 -16.49 -2.75
N THR A 41 -4.09 -16.97 -2.54
CA THR A 41 -4.78 -17.72 -3.59
C THR A 41 -5.51 -16.80 -4.57
N TYR A 42 -5.73 -15.53 -4.21
CA TYR A 42 -6.39 -14.56 -5.09
C TYR A 42 -7.78 -15.02 -5.53
N ALA A 43 -8.46 -15.78 -4.66
CA ALA A 43 -9.75 -16.36 -5.05
C ALA A 43 -10.81 -15.31 -5.35
N ASP A 44 -10.76 -14.16 -4.69
CA ASP A 44 -11.86 -13.19 -4.81
C ASP A 44 -11.80 -12.40 -6.10
N PHE A 45 -10.72 -12.50 -6.86
CA PHE A 45 -10.60 -11.76 -8.10
C PHE A 45 -11.72 -12.10 -9.08
N ARG A 46 -12.34 -13.28 -8.95
CA ARG A 46 -13.47 -13.65 -9.79
C ARG A 46 -14.65 -12.70 -9.61
N ASP A 47 -14.71 -11.97 -8.49
CA ASP A 47 -15.82 -11.07 -8.22
C ASP A 47 -15.67 -9.72 -8.91
N PHE A 48 -14.50 -9.40 -9.45
CA PHE A 48 -14.27 -8.09 -10.02
C PHE A 48 -14.84 -8.02 -11.43
N ARG A 49 -15.20 -6.80 -11.86
CA ARG A 49 -15.53 -6.63 -13.27
C ARG A 49 -14.39 -7.16 -14.14
N PRO A 50 -14.69 -7.70 -15.31
CA PRO A 50 -13.69 -8.46 -16.09
C PRO A 50 -12.58 -7.57 -16.62
N PRO A 51 -11.33 -8.05 -16.58
CA PRO A 51 -10.28 -7.35 -17.33
C PRO A 51 -10.60 -7.42 -18.82
N VAL A 52 -10.33 -6.32 -19.52
CA VAL A 52 -10.45 -6.28 -20.98
C VAL A 52 -9.14 -5.74 -21.51
N ARG A 53 -8.49 -6.50 -22.38
CA ARG A 53 -7.20 -6.13 -22.93
C ARG A 53 -7.19 -5.99 -24.44
N MET A 54 -7.92 -6.85 -25.15
CA MET A 54 -7.92 -6.96 -26.63
C MET A 54 -6.77 -6.29 -27.38
N SER A 66 -6.81 5.28 -27.16
CA SER A 66 -7.48 4.03 -26.84
C SER A 66 -8.36 4.21 -25.61
N PRO A 67 -9.46 3.45 -25.53
CA PRO A 67 -10.28 3.46 -24.32
C PRO A 67 -9.49 2.91 -23.14
N LEU A 68 -10.00 3.20 -21.95
N LEU A 68 -10.02 3.20 -21.94
CA LEU A 68 -9.40 2.72 -20.70
CA LEU A 68 -9.42 2.73 -20.70
C LEU A 68 -10.03 1.39 -20.31
C LEU A 68 -10.06 1.39 -20.31
N SER A 69 -9.75 0.38 -21.13
CA SER A 69 -10.43 -0.90 -21.03
C SER A 69 -10.18 -1.65 -19.73
N MET A 70 -9.06 -1.39 -19.04
CA MET A 70 -8.75 -2.05 -17.78
C MET A 70 -9.22 -1.26 -16.55
N LEU A 71 -9.81 -0.08 -16.75
CA LEU A 71 -10.26 0.72 -15.61
C LEU A 71 -11.30 0.04 -14.73
N PRO A 72 -12.37 -0.55 -15.26
CA PRO A 72 -13.31 -1.25 -14.35
C PRO A 72 -12.66 -2.32 -13.49
N HIS A 73 -11.85 -3.20 -14.09
CA HIS A 73 -11.23 -4.28 -13.34
C HIS A 73 -10.25 -3.75 -12.30
N LEU A 74 -9.42 -2.77 -12.71
CA LEU A 74 -8.40 -2.29 -11.79
C LEU A 74 -8.99 -1.41 -10.69
N ALA A 75 -10.13 -0.73 -10.98
CA ALA A 75 -10.84 -0.02 -9.92
C ALA A 75 -11.36 -1.00 -8.87
N ASP A 76 -11.92 -2.14 -9.31
CA ASP A 76 -12.37 -3.15 -8.36
C ASP A 76 -11.18 -3.76 -7.60
N LEU A 77 -10.07 -4.00 -8.29
CA LEU A 77 -8.87 -4.53 -7.62
C LEU A 77 -8.38 -3.58 -6.56
N VAL A 78 -8.22 -2.30 -6.92
N VAL A 78 -8.25 -2.29 -6.89
CA VAL A 78 -7.79 -1.28 -5.98
CA VAL A 78 -7.78 -1.33 -5.90
C VAL A 78 -8.78 -1.16 -4.81
C VAL A 78 -8.79 -1.16 -4.77
N SER A 79 -10.09 -1.18 -5.09
CA SER A 79 -11.09 -1.02 -4.04
C SER A 79 -11.02 -2.18 -3.04
N TYR A 80 -10.87 -3.40 -3.55
CA TYR A 80 -10.68 -4.58 -2.71
C TYR A 80 -9.42 -4.44 -1.86
N SER A 81 -8.33 -3.97 -2.46
CA SER A 81 -7.08 -3.84 -1.73
C SER A 81 -7.19 -2.78 -0.63
N ILE A 82 -7.91 -1.69 -0.90
CA ILE A 82 -8.12 -0.68 0.16
C ILE A 82 -8.77 -1.32 1.38
N GLN A 83 -9.83 -2.12 1.17
CA GLN A 83 -10.47 -2.83 2.27
C GLN A 83 -9.46 -3.68 3.05
N LYS A 84 -8.55 -4.37 2.35
CA LYS A 84 -7.56 -5.19 3.05
C LYS A 84 -6.56 -4.33 3.82
N VAL A 85 -6.17 -3.18 3.27
CA VAL A 85 -5.26 -2.26 3.95
C VAL A 85 -5.89 -1.73 5.24
N ILE A 86 -7.19 -1.38 5.20
CA ILE A 86 -7.84 -0.91 6.43
C ILE A 86 -7.87 -2.02 7.47
N GLY A 87 -8.13 -3.26 7.03
CA GLY A 87 -8.17 -4.37 7.97
C GLY A 87 -6.82 -4.61 8.61
N PHE A 88 -5.74 -4.48 7.84
CA PHE A 88 -4.38 -4.59 8.42
C PHE A 88 -4.12 -3.46 9.41
N ALA A 89 -4.41 -2.23 9.00
CA ALA A 89 -4.15 -1.06 9.84
C ALA A 89 -4.81 -1.17 11.20
N LYS A 90 -6.04 -1.71 11.25
CA LYS A 90 -6.76 -1.80 12.52
C LYS A 90 -6.04 -2.69 13.52
N MET A 91 -5.19 -3.59 13.04
CA MET A 91 -4.45 -4.51 13.90
C MET A 91 -3.05 -4.01 14.28
N ILE A 92 -2.63 -2.85 13.78
CA ILE A 92 -1.29 -2.34 14.15
C ILE A 92 -1.30 -1.96 15.63
N PRO A 93 -0.33 -2.40 16.44
CA PRO A 93 -0.32 -2.03 17.85
C PRO A 93 -0.31 -0.52 18.03
N GLY A 94 -1.30 -0.01 18.79
CA GLY A 94 -1.44 1.40 19.05
C GLY A 94 -2.36 2.16 18.10
N PHE A 95 -2.63 1.64 16.89
CA PHE A 95 -3.41 2.40 15.90
C PHE A 95 -4.78 2.76 16.45
N ARG A 96 -5.38 1.85 17.19
CA ARG A 96 -6.74 2.07 17.73
C ARG A 96 -6.75 3.08 18.88
N ASP A 97 -5.58 3.48 19.38
CA ASP A 97 -5.55 4.51 20.41
C ASP A 97 -5.68 5.91 19.84
N LEU A 98 -5.59 6.06 18.52
CA LEU A 98 -5.76 7.33 17.85
C LEU A 98 -7.23 7.68 17.72
N THR A 99 -7.50 8.98 17.55
CA THR A 99 -8.86 9.42 17.28
C THR A 99 -9.31 8.94 15.91
N SER A 100 -10.62 8.84 15.74
N SER A 100 -10.62 8.85 15.73
CA SER A 100 -11.16 8.44 14.45
CA SER A 100 -11.16 8.42 14.44
C SER A 100 -10.69 9.37 13.34
C SER A 100 -10.71 9.37 13.33
N ASP A 101 -10.66 10.67 13.62
CA ASP A 101 -10.19 11.64 12.63
C ASP A 101 -8.77 11.31 12.18
N ASP A 102 -7.88 11.00 13.13
CA ASP A 102 -6.50 10.70 12.80
C ASP A 102 -6.36 9.36 12.09
N GLN A 103 -7.12 8.35 12.51
CA GLN A 103 -7.10 7.09 11.77
C GLN A 103 -7.49 7.32 10.32
N ILE A 104 -8.53 8.15 10.10
CA ILE A 104 -8.98 8.45 8.75
C ILE A 104 -7.90 9.17 7.94
N VAL A 105 -7.28 10.20 8.51
N VAL A 105 -7.29 10.22 8.52
CA VAL A 105 -6.28 10.94 7.75
CA VAL A 105 -6.25 10.97 7.83
C VAL A 105 -5.08 10.06 7.43
C VAL A 105 -5.11 10.05 7.42
N LEU A 106 -4.74 9.14 8.32
CA LEU A 106 -3.59 8.27 8.06
C LEU A 106 -3.90 7.24 6.98
N LEU A 107 -5.14 6.72 6.93
CA LEU A 107 -5.44 5.74 5.89
C LEU A 107 -5.62 6.41 4.54
N LYS A 108 -6.24 7.61 4.52
N LYS A 108 -6.22 7.62 4.52
CA LYS A 108 -6.44 8.31 3.26
CA LYS A 108 -6.43 8.33 3.26
C LYS A 108 -5.10 8.63 2.59
C LYS A 108 -5.10 8.70 2.62
N SER A 109 -4.13 9.06 3.41
N SER A 109 -4.11 9.06 3.45
CA SER A 109 -2.83 9.45 2.88
CA SER A 109 -2.80 9.46 2.93
C SER A 109 -1.94 8.25 2.56
C SER A 109 -1.94 8.26 2.57
N SER A 110 -2.07 7.14 3.29
CA SER A 110 -1.17 6.01 3.07
C SER A 110 -1.72 4.89 2.19
N ALA A 111 -3.04 4.82 1.92
CA ALA A 111 -3.52 3.61 1.27
C ALA A 111 -2.84 3.36 -0.07
N ILE A 112 -2.67 4.40 -0.89
CA ILE A 112 -2.00 4.21 -2.18
C ILE A 112 -0.60 3.63 -1.99
N GLU A 113 0.10 4.07 -0.94
CA GLU A 113 1.49 3.64 -0.73
C GLU A 113 1.52 2.20 -0.24
N VAL A 114 0.59 1.84 0.64
CA VAL A 114 0.52 0.45 1.12
C VAL A 114 0.13 -0.48 -0.01
N ILE A 115 -0.78 -0.04 -0.90
CA ILE A 115 -1.07 -0.89 -2.07
C ILE A 115 0.22 -1.15 -2.88
N MET A 116 1.03 -0.12 -3.11
CA MET A 116 2.27 -0.34 -3.85
C MET A 116 3.19 -1.33 -3.12
N LEU A 117 3.31 -1.19 -1.80
CA LEU A 117 4.17 -2.09 -1.01
C LEU A 117 3.64 -3.51 -1.03
N ARG A 118 2.33 -3.69 -0.74
CA ARG A 118 1.83 -5.06 -0.63
C ARG A 118 1.79 -5.76 -1.97
N SER A 119 1.62 -5.01 -3.07
CA SER A 119 1.62 -5.64 -4.40
C SER A 119 2.96 -6.25 -4.74
N ASN A 120 4.02 -5.89 -4.01
CA ASN A 120 5.35 -6.43 -4.29
C ASN A 120 5.37 -7.95 -4.10
N GLN A 121 4.48 -8.47 -3.27
CA GLN A 121 4.41 -9.92 -3.06
C GLN A 121 4.09 -10.66 -4.35
N SER A 122 3.22 -10.10 -5.19
CA SER A 122 2.90 -10.75 -6.47
C SER A 122 3.79 -10.31 -7.62
N PHE A 123 4.59 -9.26 -7.44
CA PHE A 123 5.49 -8.81 -8.50
C PHE A 123 6.60 -9.84 -8.76
N THR A 124 6.91 -10.06 -10.04
N THR A 124 6.91 -10.05 -10.03
CA THR A 124 8.00 -10.93 -10.44
CA THR A 124 8.02 -10.93 -10.40
C THR A 124 8.96 -10.17 -11.34
C THR A 124 8.96 -10.19 -11.34
N MET A 125 10.26 -10.30 -11.09
CA MET A 125 11.26 -9.71 -11.96
C MET A 125 11.51 -10.52 -13.22
N ASP A 126 10.86 -11.68 -13.36
CA ASP A 126 10.99 -12.46 -14.59
C ASP A 126 10.53 -11.65 -15.80
N ASP A 127 9.36 -11.03 -15.69
CA ASP A 127 8.87 -10.18 -16.77
C ASP A 127 8.32 -8.86 -16.24
N MET A 128 8.73 -8.43 -15.05
CA MET A 128 8.32 -7.15 -14.46
C MET A 128 6.80 -6.98 -14.47
N SER A 129 6.12 -7.97 -13.91
CA SER A 129 4.66 -7.96 -13.88
C SER A 129 4.17 -8.37 -12.50
N TRP A 130 2.91 -8.09 -12.23
CA TRP A 130 2.26 -8.48 -10.99
C TRP A 130 1.43 -9.72 -11.29
N ASP A 131 1.86 -10.86 -10.78
CA ASP A 131 1.30 -12.16 -11.17
C ASP A 131 0.39 -12.64 -10.04
N CYS A 132 -0.91 -12.51 -10.22
CA CYS A 132 -1.87 -12.97 -9.20
C CYS A 132 -2.54 -14.28 -9.58
N GLY A 133 -1.74 -15.26 -10.01
CA GLY A 133 -2.13 -16.66 -10.03
C GLY A 133 -2.59 -17.20 -11.37
N SER A 134 -2.93 -16.34 -12.31
CA SER A 134 -3.45 -16.80 -13.58
C SER A 134 -3.23 -15.71 -14.62
N GLN A 135 -3.32 -16.10 -15.89
CA GLN A 135 -3.04 -15.16 -16.99
C GLN A 135 -4.00 -13.98 -16.97
N ASP A 136 -5.29 -14.23 -16.73
CA ASP A 136 -6.27 -13.15 -16.63
C ASP A 136 -5.83 -12.10 -15.62
N TYR A 137 -5.25 -12.54 -14.51
CA TYR A 137 -4.90 -11.66 -13.40
C TYR A 137 -3.39 -11.47 -13.30
N LYS A 138 -2.71 -11.41 -14.44
N LYS A 138 -2.70 -11.43 -14.43
CA LYS A 138 -1.30 -11.05 -14.51
CA LYS A 138 -1.29 -11.05 -14.50
C LYS A 138 -1.23 -9.68 -15.16
C LYS A 138 -1.24 -9.67 -15.15
N TYR A 139 -0.71 -8.69 -14.44
CA TYR A 139 -0.75 -7.30 -14.88
C TYR A 139 0.65 -6.78 -15.20
N ASP A 140 0.77 -6.10 -16.34
CA ASP A 140 2.02 -5.50 -16.79
C ASP A 140 1.88 -3.98 -16.95
N VAL A 141 2.92 -3.34 -17.48
N VAL A 141 2.93 -3.35 -17.48
CA VAL A 141 2.89 -1.89 -17.63
CA VAL A 141 2.94 -1.90 -17.68
C VAL A 141 1.78 -1.46 -18.58
C VAL A 141 1.78 -1.47 -18.57
N THR A 142 1.44 -2.29 -19.55
CA THR A 142 0.37 -1.95 -20.49
C THR A 142 -0.98 -1.91 -19.79
N ASP A 143 -1.20 -2.84 -18.85
CA ASP A 143 -2.46 -2.84 -18.10
C ASP A 143 -2.63 -1.56 -17.28
N VAL A 144 -1.56 -1.09 -16.63
CA VAL A 144 -1.62 0.15 -15.87
C VAL A 144 -1.95 1.32 -16.80
N SER A 145 -1.36 1.31 -17.99
N SER A 145 -1.37 1.31 -17.99
CA SER A 145 -1.66 2.37 -18.93
CA SER A 145 -1.66 2.40 -18.93
C SER A 145 -3.12 2.36 -19.34
C SER A 145 -3.10 2.36 -19.40
N LYS A 146 -3.72 1.18 -19.41
CA LYS A 146 -5.11 1.02 -19.81
C LYS A 146 -6.09 1.30 -18.68
N ALA A 147 -5.59 1.74 -17.51
CA ALA A 147 -6.41 2.40 -16.50
C ALA A 147 -6.25 3.91 -16.54
N GLY A 148 -5.39 4.42 -17.44
CA GLY A 148 -5.28 5.85 -17.66
C GLY A 148 -3.97 6.47 -17.24
N HIS A 149 -3.07 5.70 -16.61
CA HIS A 149 -1.83 6.26 -16.10
C HIS A 149 -0.74 6.30 -17.17
N THR A 150 0.26 7.16 -16.92
CA THR A 150 1.34 7.44 -17.86
C THR A 150 2.68 7.01 -17.28
N LEU A 151 3.72 7.07 -18.13
CA LEU A 151 5.05 6.65 -17.73
C LEU A 151 5.59 7.50 -16.58
N GLU A 152 5.10 8.74 -16.43
CA GLU A 152 5.48 9.58 -15.30
C GLU A 152 5.29 8.86 -13.97
N LEU A 153 4.21 8.06 -13.86
CA LEU A 153 3.97 7.19 -12.71
C LEU A 153 4.58 5.81 -12.91
N ILE A 154 4.38 5.21 -14.09
CA ILE A 154 4.64 3.78 -14.25
C ILE A 154 6.14 3.47 -14.20
N GLU A 155 6.98 4.29 -14.84
N GLU A 155 6.98 4.30 -14.83
CA GLU A 155 8.43 4.04 -14.78
CA GLU A 155 8.42 4.05 -14.79
C GLU A 155 8.95 4.09 -13.36
C GLU A 155 8.97 4.10 -13.37
N PRO A 156 8.75 5.14 -12.56
CA PRO A 156 9.18 5.08 -11.15
C PRO A 156 8.53 3.94 -10.37
N LEU A 157 7.29 3.56 -10.70
CA LEU A 157 6.63 2.47 -9.97
C LEU A 157 7.34 1.14 -10.21
N ILE A 158 7.74 0.85 -11.46
CA ILE A 158 8.50 -0.36 -11.75
C ILE A 158 9.87 -0.32 -11.06
N LYS A 159 10.54 0.82 -11.10
CA LYS A 159 11.84 0.92 -10.45
C LYS A 159 11.70 0.68 -8.96
N PHE A 160 10.61 1.15 -8.37
CA PHE A 160 10.35 0.88 -6.96
C PHE A 160 10.15 -0.61 -6.72
N GLN A 161 9.29 -1.25 -7.53
CA GLN A 161 9.04 -2.68 -7.34
C GLN A 161 10.35 -3.48 -7.45
N VAL A 162 11.19 -3.14 -8.42
CA VAL A 162 12.46 -3.86 -8.58
C VAL A 162 13.37 -3.63 -7.39
N GLY A 163 13.50 -2.37 -6.94
CA GLY A 163 14.37 -2.08 -5.83
C GLY A 163 13.93 -2.73 -4.53
N LEU A 164 12.60 -2.76 -4.31
CA LEU A 164 12.09 -3.41 -3.10
C LEU A 164 12.30 -4.91 -3.17
N LYS A 165 12.01 -5.51 -4.34
CA LYS A 165 12.20 -6.95 -4.48
C LYS A 165 13.65 -7.34 -4.22
N LYS A 166 14.60 -6.51 -4.68
CA LYS A 166 16.02 -6.78 -4.49
C LYS A 166 16.47 -6.71 -3.04
N LEU A 167 15.69 -6.07 -2.15
CA LEU A 167 16.06 -6.07 -0.74
C LEU A 167 15.84 -7.43 -0.09
N ASN A 168 15.08 -8.32 -0.74
N ASN A 168 15.09 -8.31 -0.76
CA ASN A 168 14.82 -9.65 -0.24
CA ASN A 168 14.78 -9.66 -0.25
C ASN A 168 14.37 -9.62 1.23
C ASN A 168 14.36 -9.62 1.21
N LEU A 169 13.37 -8.79 1.50
CA LEU A 169 12.93 -8.59 2.88
C LEU A 169 12.38 -9.88 3.47
N HIS A 170 12.71 -10.10 4.75
CA HIS A 170 11.98 -11.09 5.52
C HIS A 170 10.52 -10.65 5.63
N GLU A 171 9.62 -11.61 5.72
CA GLU A 171 8.22 -11.23 5.91
C GLU A 171 8.04 -10.30 7.11
N GLU A 172 8.80 -10.56 8.19
CA GLU A 172 8.78 -9.67 9.35
C GLU A 172 9.07 -8.21 8.98
N GLU A 173 10.06 -8.00 8.09
CA GLU A 173 10.43 -6.64 7.70
C GLU A 173 9.38 -6.04 6.78
N HIS A 174 8.81 -6.85 5.90
CA HIS A 174 7.74 -6.40 5.00
C HIS A 174 6.53 -5.88 5.78
N VAL A 175 6.09 -6.61 6.81
CA VAL A 175 4.90 -6.18 7.56
C VAL A 175 5.22 -4.98 8.45
N LEU A 176 6.45 -4.92 9.01
CA LEU A 176 6.81 -3.72 9.77
C LEU A 176 6.83 -2.49 8.87
N LEU A 177 7.35 -2.64 7.65
CA LEU A 177 7.43 -1.47 6.76
C LEU A 177 6.03 -0.97 6.40
N MET A 178 5.10 -1.87 6.15
CA MET A 178 3.72 -1.45 5.87
C MET A 178 3.13 -0.71 7.06
N ALA A 179 3.36 -1.22 8.27
CA ALA A 179 2.84 -0.56 9.47
C ALA A 179 3.46 0.81 9.68
N ILE A 180 4.79 0.91 9.51
CA ILE A 180 5.47 2.20 9.66
C ILE A 180 4.95 3.22 8.67
N CYS A 181 4.70 2.77 7.44
CA CYS A 181 4.14 3.63 6.41
C CYS A 181 2.79 4.22 6.84
N ILE A 182 1.90 3.39 7.36
CA ILE A 182 0.57 3.83 7.78
C ILE A 182 0.66 4.85 8.92
N VAL A 183 1.49 4.54 9.93
N VAL A 183 1.46 4.56 9.94
CA VAL A 183 1.51 5.39 11.12
CA VAL A 183 1.47 5.43 11.12
C VAL A 183 2.59 6.45 10.95
C VAL A 183 2.53 6.52 11.02
N SER A 184 2.39 7.38 10.02
CA SER A 184 3.38 8.44 9.77
C SER A 184 2.94 9.78 10.34
N PRO A 185 3.71 10.43 11.23
CA PRO A 185 3.24 11.66 11.88
C PRO A 185 3.25 12.91 11.01
N ASP A 186 3.87 12.88 9.83
CA ASP A 186 3.94 14.07 8.99
C ASP A 186 2.88 14.10 7.90
N ARG A 187 1.90 13.20 7.95
CA ARG A 187 0.84 13.24 6.95
C ARG A 187 0.01 14.51 7.12
N PRO A 188 -0.49 15.07 6.01
CA PRO A 188 -1.30 16.29 6.10
C PRO A 188 -2.59 16.05 6.86
N GLY A 189 -2.95 17.01 7.72
CA GLY A 189 -4.18 16.92 8.47
C GLY A 189 -4.08 16.19 9.79
N VAL A 190 -2.92 15.63 10.12
CA VAL A 190 -2.77 14.94 11.40
C VAL A 190 -2.94 15.93 12.53
N GLN A 191 -3.77 15.57 13.51
CA GLN A 191 -3.98 16.41 14.69
C GLN A 191 -2.98 16.07 15.80
N ASP A 192 -3.06 14.85 16.34
CA ASP A 192 -2.20 14.45 17.45
C ASP A 192 -0.89 13.86 16.92
N ALA A 193 -0.05 14.75 16.38
CA ALA A 193 1.18 14.29 15.74
C ALA A 193 2.12 13.64 16.74
N LYS A 194 2.09 14.07 17.99
CA LYS A 194 3.00 13.49 18.98
C LYS A 194 2.63 12.04 19.29
N LEU A 195 1.35 11.72 19.31
CA LEU A 195 0.95 10.33 19.56
C LEU A 195 1.24 9.45 18.36
N VAL A 196 0.96 9.94 17.15
CA VAL A 196 1.32 9.18 15.95
C VAL A 196 2.81 8.88 15.96
N GLU A 197 3.62 9.87 16.31
CA GLU A 197 5.06 9.67 16.33
C GLU A 197 5.47 8.64 17.38
N ALA A 198 4.82 8.65 18.55
CA ALA A 198 5.15 7.69 19.60
C ALA A 198 4.85 6.26 19.16
N ILE A 199 3.72 6.06 18.49
CA ILE A 199 3.39 4.74 17.97
C ILE A 199 4.38 4.31 16.89
N GLN A 200 4.68 5.21 15.96
CA GLN A 200 5.62 4.85 14.89
C GLN A 200 6.99 4.52 15.45
N ASP A 201 7.45 5.30 16.44
CA ASP A 201 8.78 5.08 17.02
C ASP A 201 8.90 3.67 17.58
N ARG A 202 7.83 3.14 18.18
CA ARG A 202 7.88 1.77 18.71
C ARG A 202 8.06 0.76 17.58
N LEU A 203 7.39 0.99 16.44
CA LEU A 203 7.56 0.13 15.28
C LEU A 203 8.95 0.30 14.65
N SER A 204 9.42 1.54 14.51
CA SER A 204 10.73 1.78 13.92
C SER A 204 11.83 1.12 14.73
N ASN A 205 11.78 1.27 16.06
CA ASN A 205 12.78 0.62 16.90
C ASN A 205 12.67 -0.90 16.85
N THR A 206 11.46 -1.43 16.70
CA THR A 206 11.30 -2.88 16.51
C THR A 206 11.99 -3.34 15.25
N LEU A 207 11.78 -2.62 14.14
CA LEU A 207 12.41 -2.98 12.87
C LEU A 207 13.93 -2.87 12.94
N GLN A 208 14.45 -1.74 13.44
CA GLN A 208 15.90 -1.55 13.55
C GLN A 208 16.53 -2.66 14.37
N THR A 209 15.87 -3.04 15.49
CA THR A 209 16.41 -4.10 16.35
C THR A 209 16.28 -5.47 15.67
N TYR A 210 15.17 -5.71 14.94
CA TYR A 210 15.03 -6.97 14.21
C TYR A 210 16.15 -7.14 13.19
N ILE A 211 16.44 -6.10 12.42
CA ILE A 211 17.50 -6.20 11.42
C ILE A 211 18.83 -6.55 12.07
N ARG A 212 19.19 -5.85 13.15
CA ARG A 212 20.47 -6.05 13.80
C ARG A 212 20.59 -7.44 14.42
N CYS A 213 19.49 -7.99 14.94
CA CYS A 213 19.52 -9.27 15.65
C CYS A 213 19.21 -10.48 14.78
N ARG A 214 18.39 -10.35 13.75
CA ARG A 214 17.87 -11.51 13.06
C ARG A 214 18.15 -11.54 11.56
N HIS A 215 18.68 -10.46 10.97
CA HIS A 215 18.93 -10.48 9.53
C HIS A 215 20.42 -10.64 9.31
N PRO A 216 20.90 -11.77 8.81
CA PRO A 216 22.34 -12.00 8.75
C PRO A 216 22.97 -11.16 7.65
N PRO A 217 24.22 -10.76 7.82
CA PRO A 217 24.93 -10.09 6.74
C PRO A 217 25.24 -11.10 5.63
N PRO A 218 25.49 -10.62 4.40
CA PRO A 218 25.54 -9.22 3.97
C PRO A 218 24.19 -8.57 3.70
N GLY A 219 23.11 -9.36 3.73
CA GLY A 219 21.79 -8.83 3.44
C GLY A 219 21.35 -7.67 4.33
N SER A 220 21.86 -7.63 5.55
CA SER A 220 21.49 -6.59 6.50
C SER A 220 22.21 -5.25 6.28
N HIS A 221 23.22 -5.20 5.41
CA HIS A 221 24.03 -3.99 5.25
C HIS A 221 23.17 -2.77 4.86
N GLN A 222 23.12 -1.78 5.76
N GLN A 222 23.12 -1.77 5.74
CA GLN A 222 22.37 -0.54 5.56
CA GLN A 222 22.39 -0.53 5.49
C GLN A 222 20.91 -0.80 5.25
C GLN A 222 20.90 -0.78 5.28
N LEU A 223 20.39 -1.94 5.71
CA LEU A 223 19.03 -2.33 5.34
C LEU A 223 17.99 -1.35 5.85
N TYR A 224 18.13 -0.89 7.10
CA TYR A 224 17.12 0.05 7.63
C TYR A 224 17.09 1.33 6.81
N ALA A 225 18.27 1.90 6.53
CA ALA A 225 18.33 3.10 5.71
C ALA A 225 17.73 2.87 4.33
N LYS A 226 17.95 1.68 3.75
CA LYS A 226 17.38 1.38 2.44
C LYS A 226 15.85 1.26 2.51
N MET A 227 15.34 0.73 3.61
CA MET A 227 13.88 0.64 3.78
C MET A 227 13.27 2.02 3.97
N ILE A 228 13.91 2.90 4.72
N ILE A 228 13.93 2.91 4.72
CA ILE A 228 13.41 4.27 4.85
CA ILE A 228 13.43 4.28 4.84
C ILE A 228 13.47 5.02 3.52
C ILE A 228 13.44 4.98 3.49
N GLN A 229 14.49 4.76 2.70
CA GLN A 229 14.50 5.33 1.35
C GLN A 229 13.26 4.90 0.55
N LYS A 230 12.83 3.64 0.70
CA LYS A 230 11.61 3.20 0.03
C LYS A 230 10.39 3.97 0.50
N LEU A 231 10.36 4.38 1.78
CA LEU A 231 9.25 5.23 2.23
C LEU A 231 9.29 6.61 1.57
N ALA A 232 10.48 7.18 1.38
CA ALA A 232 10.58 8.44 0.64
C ALA A 232 10.16 8.24 -0.82
N ASP A 233 10.56 7.10 -1.41
CA ASP A 233 10.15 6.82 -2.79
C ASP A 233 8.64 6.77 -2.89
N LEU A 234 8.00 6.17 -1.90
CA LEU A 234 6.54 6.08 -1.89
C LEU A 234 5.87 7.45 -1.83
N ARG A 235 6.48 8.41 -1.12
CA ARG A 235 5.87 9.74 -1.08
C ARG A 235 5.85 10.36 -2.46
N SER A 236 6.94 10.18 -3.21
N SER A 236 6.95 10.17 -3.20
CA SER A 236 6.98 10.68 -4.58
CA SER A 236 7.02 10.66 -4.57
C SER A 236 5.95 9.97 -5.45
C SER A 236 5.98 9.97 -5.45
N LEU A 237 5.85 8.65 -5.32
CA LEU A 237 4.85 7.91 -6.07
C LEU A 237 3.45 8.35 -5.69
N ASN A 238 3.20 8.58 -4.39
CA ASN A 238 1.89 9.06 -3.93
C ASN A 238 1.55 10.39 -4.61
N GLU A 239 2.51 11.33 -4.61
N GLU A 239 2.49 11.34 -4.59
CA GLU A 239 2.28 12.64 -5.22
CA GLU A 239 2.24 12.64 -5.22
C GLU A 239 1.92 12.52 -6.70
C GLU A 239 1.86 12.47 -6.70
N GLU A 240 2.62 11.65 -7.43
CA GLU A 240 2.33 11.51 -8.86
C GLU A 240 1.02 10.77 -9.09
N HIS A 241 0.79 9.67 -8.36
CA HIS A 241 -0.48 8.98 -8.52
C HIS A 241 -1.64 9.91 -8.23
N SER A 242 -1.51 10.74 -7.19
CA SER A 242 -2.58 11.68 -6.85
C SER A 242 -2.83 12.69 -7.97
N LYS A 243 -1.77 13.21 -8.57
N LYS A 243 -1.77 13.20 -8.58
CA LYS A 243 -1.90 14.13 -9.69
CA LYS A 243 -1.91 14.14 -9.69
C LYS A 243 -2.65 13.50 -10.84
C LYS A 243 -2.65 13.51 -10.85
N GLN A 244 -2.28 12.28 -11.22
CA GLN A 244 -2.94 11.64 -12.36
C GLN A 244 -4.34 11.19 -11.99
N TYR A 245 -4.52 10.67 -10.77
CA TYR A 245 -5.87 10.33 -10.32
C TYR A 245 -6.81 11.53 -10.39
N ARG A 246 -6.33 12.70 -9.98
CA ARG A 246 -7.15 13.91 -10.04
C ARG A 246 -7.56 14.22 -11.47
N SER A 247 -6.63 14.10 -12.42
CA SER A 247 -6.92 14.37 -13.81
C SER A 247 -7.90 13.34 -14.38
N LEU A 248 -7.69 12.07 -14.05
CA LEU A 248 -8.60 11.02 -14.53
C LEU A 248 -9.99 11.19 -13.94
N SER A 249 -10.08 11.31 -12.62
CA SER A 249 -11.38 11.33 -11.93
C SER A 249 -12.16 12.61 -12.19
N PHE A 250 -11.50 13.67 -12.66
CA PHE A 250 -12.21 14.89 -13.02
C PHE A 250 -13.14 14.68 -14.20
N GLN A 251 -12.87 13.69 -15.03
CA GLN A 251 -13.74 13.42 -16.16
C GLN A 251 -14.87 12.53 -15.66
N PRO A 252 -16.12 12.97 -15.74
CA PRO A 252 -17.19 12.19 -15.09
C PRO A 252 -17.34 10.80 -15.65
N GLU A 253 -17.07 10.60 -16.95
CA GLU A 253 -17.19 9.26 -17.51
C GLU A 253 -16.20 8.28 -16.88
N ASN A 254 -15.02 8.77 -16.48
CA ASN A 254 -14.08 7.91 -15.76
C ASN A 254 -14.53 7.68 -14.32
N SER A 255 -14.97 8.74 -13.64
CA SER A 255 -15.41 8.58 -12.26
C SER A 255 -16.56 7.57 -12.16
N MET A 256 -17.40 7.49 -13.19
N MET A 256 -17.41 7.50 -13.19
CA MET A 256 -18.51 6.54 -13.18
CA MET A 256 -18.51 6.55 -13.21
C MET A 256 -18.02 5.10 -13.06
C MET A 256 -18.04 5.11 -13.10
N LYS A 257 -16.81 4.81 -13.53
CA LYS A 257 -16.30 3.46 -13.51
C LYS A 257 -15.56 3.12 -12.24
N LEU A 258 -15.36 4.11 -11.35
CA LEU A 258 -14.71 3.86 -10.08
C LEU A 258 -15.70 3.22 -9.09
N THR A 259 -15.25 2.96 -7.87
CA THR A 259 -16.16 2.45 -6.85
C THR A 259 -16.42 3.53 -5.81
N PRO A 260 -17.46 3.39 -5.01
CA PRO A 260 -17.69 4.40 -3.96
C PRO A 260 -16.54 4.51 -2.98
N LEU A 261 -15.96 3.39 -2.58
CA LEU A 261 -14.82 3.42 -1.66
C LEU A 261 -13.62 4.15 -2.25
N VAL A 262 -13.31 3.90 -3.52
CA VAL A 262 -12.19 4.60 -4.16
C VAL A 262 -12.46 6.11 -4.20
N LEU A 263 -13.69 6.51 -4.53
CA LEU A 263 -13.99 7.94 -4.53
C LEU A 263 -13.85 8.55 -3.14
N GLU A 264 -14.21 7.80 -2.10
CA GLU A 264 -14.12 8.35 -0.75
C GLU A 264 -12.66 8.48 -0.32
N VAL A 265 -11.86 7.46 -0.59
CA VAL A 265 -10.50 7.41 -0.07
C VAL A 265 -9.54 8.22 -0.94
N PHE A 266 -9.57 7.99 -2.27
CA PHE A 266 -8.63 8.69 -3.16
C PHE A 266 -9.12 10.09 -3.49
N GLY A 267 -10.42 10.33 -3.48
CA GLY A 267 -10.91 11.67 -3.65
C GLY A 267 -12.02 11.75 -4.67
N ASN A 268 -12.83 12.78 -4.56
CA ASN A 268 -13.97 12.95 -5.47
C ASN A 268 -13.98 14.38 -6.00
N LYS B 1 -16.22 15.36 2.72
CA LYS B 1 -15.83 15.81 4.05
C LYS B 1 -16.11 14.70 5.06
N ASN B 2 -17.20 13.98 4.84
CA ASN B 2 -17.53 12.79 5.62
C ASN B 2 -16.95 11.57 4.93
N HIS B 3 -16.43 10.64 5.72
CA HIS B 3 -15.89 9.37 5.22
C HIS B 3 -16.65 8.21 5.84
N PRO B 4 -17.94 8.06 5.51
CA PRO B 4 -18.75 7.05 6.19
C PRO B 4 -18.32 5.63 5.91
N MET B 5 -17.85 5.32 4.70
CA MET B 5 -17.43 3.95 4.40
C MET B 5 -16.15 3.60 5.12
N LEU B 6 -15.18 4.51 5.10
CA LEU B 6 -13.93 4.30 5.84
C LEU B 6 -14.21 4.22 7.33
N MET B 7 -14.98 5.19 7.85
N MET B 7 -15.00 5.17 7.86
CA MET B 7 -15.36 5.17 9.26
CA MET B 7 -15.33 5.14 9.28
C MET B 7 -15.98 3.83 9.64
C MET B 7 -16.00 3.84 9.66
N ASN B 8 -16.86 3.31 8.78
CA ASN B 8 -17.52 2.04 9.07
C ASN B 8 -16.55 0.87 9.06
N LEU B 9 -15.60 0.84 8.10
CA LEU B 9 -14.64 -0.25 8.07
C LEU B 9 -13.68 -0.16 9.23
N LEU B 10 -13.54 1.03 9.81
CA LEU B 10 -12.68 1.25 10.95
C LEU B 10 -13.33 0.87 12.27
N LYS B 11 -14.61 0.48 12.23
CA LYS B 11 -15.41 0.03 13.39
C LYS B 11 -15.96 1.23 14.16
C10 A1L8B C . 0.32 -1.29 -8.33
C13 A1L8B C . -3.40 1.40 -8.65
C15 A1L8B C . -3.99 0.76 -10.81
C20 A1L8B C . -7.33 4.65 -11.76
C21 A1L8B C . -8.12 5.92 -11.62
C22 A1L8B C . -7.47 4.12 -9.29
C26 A1L8B C . -2.51 -7.88 -4.19
C28 A1L8B C . -3.55 2.33 -7.49
C01 A1L8B C . -1.69 -5.64 -7.65
C02 A1L8B C . -2.62 -5.36 -6.71
C03 A1L8B C . -3.09 -4.11 -6.59
C04 A1L8B C . -2.68 -3.10 -7.37
C05 A1L8B C . -1.77 -3.38 -8.31
C06 A1L8B C . -1.28 -4.64 -8.46
C09 A1L8B C . -2.38 -0.53 -9.59
C11 A1L8B C . -0.58 -2.59 -11.01
C12 A1L8B C . -2.53 0.34 -8.57
C14 A1L8B C . -4.14 1.63 -9.77
C16 A1L8B C . -3.11 -0.31 -10.73
C18 A1L8B C . -5.80 3.01 -10.80
C19 A1L8B C . -6.55 4.29 -10.49
C23 A1L8B C . -8.43 2.97 -9.46
C25 A1L8B C . -2.15 -7.23 -5.51
C27 A1L8B C . -4.09 -3.83 -5.53
C29 A1L8B C . -4.36 -7.74 -1.42
C30 A1L8B C . -4.31 -8.62 -2.66
C31 A1L8B C . -3.99 -7.85 -3.93
C35 A1L8B C . -1.73 -3.42 -11.50
C36 A1L8B C . -1.83 -3.03 -12.94
O07 A1L8B C . -3.09 -6.31 -5.86
O17 A1L8B C . -4.98 2.72 -9.74
O24 A1L8B C . -5.70 5.30 -10.12
O32 A1L8B C . -4.91 -8.22 -0.43
O33 A1L8B C . -3.86 -6.59 -1.43
O34 A1L8B C . -1.89 -7.14 -3.25
SI08 A1L8B C . -1.13 -1.96 -9.37
#